data_4XJJ
#
_entry.id   4XJJ
#
_cell.length_a   35.170
_cell.length_b   40.373
_cell.length_c   76.341
_cell.angle_alpha   90.000
_cell.angle_beta   90.000
_cell.angle_gamma   90.000
#
_symmetry.space_group_name_H-M   'P 21 21 21'
#
loop_
_entity.id
_entity.type
_entity.pdbx_description
1 polymer 'TGF-beta receptor type-2'
2 non-polymer 3-[2-(2-hydroxyethyl)pyridinium-1-yl]propane-1-sulfonate
3 water water
#
_entity_poly.entity_id   1
_entity_poly.type   'polypeptide(L)'
_entity_poly.pdbx_seq_one_letter_code
;MALCKFCDVRFSTCDNQKSCMSNCSITSICEKPQEVCVAVWRKNDENITLETVCHDPKLPYHDFILEDAASPTCIMKEKK
KPGETFFMCSCSSDECNDNIIFSEEYNTSNPD
;
_entity_poly.pdbx_strand_id   A
#
# COMPACT_ATOMS: atom_id res chain seq x y z
N ALA A 2 -1.46 14.97 -3.88
CA ALA A 2 -1.35 13.60 -4.34
C ALA A 2 0.09 13.29 -4.74
N LEU A 3 0.84 12.76 -3.78
CA LEU A 3 2.28 12.55 -3.91
C LEU A 3 2.61 11.25 -3.22
N CYS A 4 3.15 10.28 -3.95
CA CYS A 4 3.21 8.90 -3.45
C CYS A 4 4.52 8.20 -3.77
N LYS A 5 4.89 7.23 -2.95
CA LYS A 5 5.90 6.26 -3.37
C LYS A 5 5.34 5.50 -4.58
N PHE A 6 6.17 5.30 -5.59
CA PHE A 6 5.64 4.70 -6.82
C PHE A 6 6.74 3.81 -7.43
N CYS A 7 7.14 2.76 -6.70
CA CYS A 7 8.13 1.81 -7.21
C CYS A 7 7.54 0.57 -7.87
N ASP A 8 6.20 0.51 -7.94
CA ASP A 8 5.52 -0.72 -8.34
C ASP A 8 5.99 -1.88 -7.44
N VAL A 9 6.13 -3.10 -7.97
CA VAL A 9 6.37 -4.26 -7.09
C VAL A 9 7.85 -4.50 -6.88
N ARG A 10 8.29 -4.42 -5.62
CA ARG A 10 9.69 -4.62 -5.23
C ARG A 10 9.82 -5.71 -4.19
N PHE A 11 10.97 -6.37 -4.14
CA PHE A 11 11.24 -7.28 -3.04
C PHE A 11 11.30 -6.50 -1.73
N SER A 12 10.84 -7.13 -0.65
CA SER A 12 10.81 -6.49 0.65
C SER A 12 11.14 -7.50 1.74
N THR A 13 11.62 -7.01 2.88
CA THR A 13 11.86 -7.88 4.02
C THR A 13 10.80 -7.66 5.10
N CYS A 14 9.86 -6.76 4.80
CA CYS A 14 8.76 -6.46 5.72
C CYS A 14 8.03 -7.71 6.17
N ASP A 15 8.14 -8.03 7.46
CA ASP A 15 7.54 -9.24 8.01
C ASP A 15 7.62 -9.19 9.53
N ASN A 16 6.56 -9.62 10.20
CA ASN A 16 6.53 -9.73 11.67
C ASN A 16 6.95 -8.45 12.38
N GLN A 17 6.37 -7.34 11.93
CA GLN A 17 6.62 -6.06 12.57
C GLN A 17 5.35 -5.24 12.43
N LYS A 18 5.18 -4.29 13.34
CA LYS A 18 3.95 -3.51 13.40
C LYS A 18 3.84 -2.49 12.27
N SER A 19 4.97 -1.95 11.82
CA SER A 19 4.96 -1.05 10.67
C SER A 19 6.17 -1.33 9.79
N CYS A 20 6.07 -0.96 8.53
CA CYS A 20 7.18 -1.08 7.60
C CYS A 20 7.39 0.17 6.78
N MET A 21 8.64 0.45 6.45
N MET A 21 8.65 0.46 6.48
N MET A 21 8.64 0.45 6.45
CA MET A 21 8.95 1.49 5.49
CA MET A 21 8.97 1.47 5.49
CA MET A 21 8.95 1.53 5.51
C MET A 21 9.00 0.91 4.09
C MET A 21 8.78 0.86 4.11
C MET A 21 9.06 0.95 4.11
N SER A 22 8.65 1.71 3.10
CA SER A 22 8.59 1.19 1.74
C SER A 22 9.98 0.87 1.19
N ASN A 23 10.99 1.58 1.65
CA ASN A 23 12.33 1.50 1.06
C ASN A 23 12.30 1.75 -0.45
N CYS A 24 11.33 2.56 -0.87
CA CYS A 24 11.17 2.95 -2.27
C CYS A 24 11.76 4.33 -2.50
N SER A 25 12.67 4.45 -3.46
CA SER A 25 13.37 5.72 -3.69
C SER A 25 12.66 6.63 -4.69
N ILE A 26 11.50 6.20 -5.19
CA ILE A 26 10.74 6.98 -6.16
C ILE A 26 9.52 7.61 -5.51
N THR A 27 9.53 8.93 -5.39
CA THR A 27 8.34 9.68 -4.96
C THR A 27 7.83 10.43 -6.17
N SER A 28 6.57 10.20 -6.53
CA SER A 28 6.01 10.75 -7.76
C SER A 28 4.79 11.60 -7.50
N ILE A 29 4.67 12.67 -8.27
CA ILE A 29 3.40 13.39 -8.35
C ILE A 29 2.44 12.52 -9.13
N CYS A 30 1.30 12.16 -8.53
CA CYS A 30 0.32 11.34 -9.25
C CYS A 30 -0.16 12.10 -10.48
N GLU A 31 -0.40 11.35 -11.56
CA GLU A 31 -0.77 11.93 -12.85
C GLU A 31 -2.08 12.73 -12.77
N LYS A 32 -3.03 12.20 -12.02
CA LYS A 32 -4.35 12.81 -11.87
C LYS A 32 -4.54 13.23 -10.42
N PRO A 33 -5.18 14.39 -10.20
CA PRO A 33 -5.27 14.96 -8.85
C PRO A 33 -6.10 14.13 -7.87
N GLN A 34 -7.01 13.30 -8.39
CA GLN A 34 -7.86 12.46 -7.55
C GLN A 34 -7.17 11.20 -7.05
N GLU A 35 -5.96 10.92 -7.55
CA GLU A 35 -5.31 9.67 -7.19
C GLU A 35 -4.82 9.68 -5.76
N VAL A 36 -4.75 8.49 -5.18
CA VAL A 36 -4.26 8.28 -3.84
C VAL A 36 -3.09 7.31 -3.85
N CYS A 37 -2.39 7.22 -2.72
CA CYS A 37 -1.28 6.28 -2.59
C CYS A 37 -1.77 4.90 -2.20
N VAL A 38 -1.10 3.88 -2.72
CA VAL A 38 -1.46 2.50 -2.42
C VAL A 38 -0.21 1.70 -2.04
N ALA A 39 -0.34 0.80 -1.07
CA ALA A 39 0.69 -0.19 -0.79
C ALA A 39 0.06 -1.57 -0.77
N VAL A 40 0.76 -2.54 -1.35
CA VAL A 40 0.28 -3.91 -1.38
C VAL A 40 1.41 -4.82 -0.94
N TRP A 41 1.15 -5.62 0.10
CA TRP A 41 2.12 -6.55 0.67
C TRP A 41 1.72 -7.98 0.31
N ARG A 42 2.65 -8.75 -0.22
CA ARG A 42 2.40 -10.14 -0.61
C ARG A 42 3.52 -11.05 -0.14
N LYS A 43 3.16 -12.26 0.29
CA LYS A 43 4.17 -13.25 0.63
C LYS A 43 3.84 -14.57 -0.04
N ASN A 44 4.82 -15.15 -0.72
CA ASN A 44 4.67 -16.52 -1.20
C ASN A 44 5.86 -17.34 -0.70
N ASP A 45 5.98 -18.59 -1.11
CA ASP A 45 7.03 -19.45 -0.54
C ASP A 45 8.44 -19.14 -1.07
N GLU A 46 8.54 -18.14 -1.94
CA GLU A 46 9.86 -17.76 -2.46
C GLU A 46 10.28 -16.35 -2.03
N ASN A 47 9.33 -15.46 -1.81
CA ASN A 47 9.70 -14.09 -1.45
C ASN A 47 8.56 -13.28 -0.84
N ILE A 48 8.92 -12.12 -0.31
CA ILE A 48 7.97 -11.11 0.13
C ILE A 48 8.13 -9.91 -0.81
N THR A 49 7.02 -9.31 -1.23
CA THR A 49 7.10 -8.10 -2.04
C THR A 49 6.22 -6.99 -1.50
N LEU A 50 6.62 -5.75 -1.82
CA LEU A 50 5.83 -4.57 -1.52
C LEU A 50 5.65 -3.78 -2.80
N GLU A 51 4.39 -3.48 -3.12
CA GLU A 51 4.03 -2.71 -4.29
C GLU A 51 3.59 -1.31 -3.85
N THR A 52 4.13 -0.28 -4.49
CA THR A 52 3.73 1.10 -4.19
C THR A 52 3.35 1.81 -5.49
N VAL A 53 2.15 2.39 -5.52
CA VAL A 53 1.69 3.13 -6.70
C VAL A 53 0.79 4.29 -6.33
N CYS A 54 0.55 5.17 -7.30
CA CYS A 54 -0.62 6.04 -7.33
C CYS A 54 -1.76 5.28 -7.96
N HIS A 55 -2.99 5.54 -7.51
CA HIS A 55 -4.14 4.92 -8.14
C HIS A 55 -5.41 5.74 -7.92
N ASP A 56 -6.25 5.81 -8.94
CA ASP A 56 -7.54 6.48 -8.86
C ASP A 56 -8.53 5.62 -8.09
N PRO A 57 -8.98 6.08 -6.90
CA PRO A 57 -9.83 5.21 -6.07
C PRO A 57 -11.25 4.99 -6.60
N LYS A 58 -11.62 5.66 -7.68
CA LYS A 58 -12.88 5.33 -8.36
C LYS A 58 -12.75 4.06 -9.20
N LEU A 59 -11.53 3.54 -9.34
CA LEU A 59 -11.25 2.34 -10.10
C LEU A 59 -10.80 1.24 -9.16
N PRO A 60 -11.27 0.00 -9.37
CA PRO A 60 -10.76 -1.07 -8.50
C PRO A 60 -9.26 -1.26 -8.69
N TYR A 61 -8.60 -1.82 -7.68
CA TYR A 61 -7.20 -2.17 -7.80
C TYR A 61 -7.02 -3.60 -7.33
N HIS A 62 -6.45 -4.45 -8.18
CA HIS A 62 -6.37 -5.89 -7.89
C HIS A 62 -7.74 -6.46 -7.53
N ASP A 63 -8.77 -5.93 -8.17
CA ASP A 63 -10.17 -6.38 -8.04
C ASP A 63 -10.81 -6.00 -6.71
N PHE A 64 -10.22 -5.03 -6.02
CA PHE A 64 -10.82 -4.49 -4.80
C PHE A 64 -11.00 -2.98 -4.89
N ILE A 65 -12.03 -2.48 -4.23
CA ILE A 65 -12.19 -1.03 -4.13
C ILE A 65 -11.41 -0.51 -2.94
N LEU A 66 -10.72 0.61 -3.14
CA LEU A 66 -9.95 1.26 -2.09
C LEU A 66 -10.87 2.06 -1.18
N GLU A 67 -11.53 1.38 -0.24
CA GLU A 67 -12.52 2.02 0.63
C GLU A 67 -11.87 2.99 1.62
N ASP A 68 -10.55 2.85 1.82
CA ASP A 68 -9.86 3.63 2.84
C ASP A 68 -9.11 4.84 2.28
N ALA A 69 -9.44 5.20 1.04
CA ALA A 69 -8.70 6.22 0.29
C ALA A 69 -8.60 7.56 1.00
N ALA A 70 -9.60 7.89 1.84
CA ALA A 70 -9.64 9.20 2.51
C ALA A 70 -8.71 9.27 3.72
N SER A 71 -8.22 8.13 4.17
CA SER A 71 -7.37 8.07 5.35
C SER A 71 -6.00 8.72 5.07
N PRO A 72 -5.48 9.49 6.04
CA PRO A 72 -4.12 10.02 5.86
C PRO A 72 -3.05 8.95 6.05
N THR A 73 -3.42 7.84 6.69
N THR A 73 -3.41 7.87 6.73
CA THR A 73 -2.46 6.78 6.98
CA THR A 73 -2.42 6.85 7.10
C THR A 73 -2.81 5.49 6.25
C THR A 73 -2.75 5.50 6.49
N CYS A 74 -1.77 4.71 5.94
N CYS A 74 -1.71 4.82 6.02
CA CYS A 74 -1.92 3.46 5.21
CA CYS A 74 -1.84 3.52 5.37
C CYS A 74 -2.03 2.29 6.20
C CYS A 74 -2.03 2.41 6.42
N ILE A 75 -3.26 1.90 6.51
CA ILE A 75 -3.55 0.82 7.46
C ILE A 75 -3.84 -0.46 6.68
N MET A 76 -2.90 -1.40 6.76
N MET A 76 -2.90 -1.41 6.74
CA MET A 76 -3.00 -2.65 6.02
CA MET A 76 -2.99 -2.62 5.93
C MET A 76 -4.18 -3.50 6.47
C MET A 76 -4.07 -3.58 6.42
N LYS A 77 -4.92 -4.02 5.50
CA LYS A 77 -5.97 -4.99 5.80
C LYS A 77 -5.86 -6.18 4.85
N GLU A 78 -6.24 -7.35 5.35
CA GLU A 78 -6.15 -8.58 4.57
C GLU A 78 -7.22 -8.62 3.48
N LYS A 79 -6.78 -8.97 2.28
CA LYS A 79 -7.68 -9.11 1.13
C LYS A 79 -7.64 -10.55 0.71
N LYS A 80 -8.81 -11.18 0.65
CA LYS A 80 -8.88 -12.59 0.30
C LYS A 80 -9.74 -12.81 -0.92
N LYS A 81 -9.14 -13.39 -1.96
CA LYS A 81 -9.92 -13.88 -3.08
C LYS A 81 -9.52 -15.33 -3.37
N PRO A 82 -10.23 -16.00 -4.29
CA PRO A 82 -9.78 -17.37 -4.58
C PRO A 82 -8.34 -17.38 -5.10
N GLY A 83 -7.49 -18.21 -4.51
CA GLY A 83 -6.14 -18.36 -5.03
C GLY A 83 -5.08 -17.47 -4.39
N GLU A 84 -5.49 -16.31 -3.87
N GLU A 84 -5.49 -16.31 -3.89
CA GLU A 84 -4.51 -15.41 -3.27
CA GLU A 84 -4.52 -15.38 -3.29
C GLU A 84 -5.07 -14.59 -2.12
C GLU A 84 -5.08 -14.59 -2.11
N THR A 85 -4.25 -14.47 -1.08
CA THR A 85 -4.51 -13.59 0.04
C THR A 85 -3.35 -12.60 0.06
N PHE A 86 -3.64 -11.31 0.23
CA PHE A 86 -2.59 -10.31 0.32
C PHE A 86 -3.04 -9.24 1.30
N PHE A 87 -2.20 -8.23 1.52
CA PHE A 87 -2.56 -7.10 2.39
C PHE A 87 -2.44 -5.81 1.59
N MET A 88 -3.41 -4.92 1.75
CA MET A 88 -3.41 -3.70 0.96
C MET A 88 -3.93 -2.54 1.79
N CYS A 89 -3.43 -1.34 1.48
N CYS A 89 -3.44 -1.35 1.45
CA CYS A 89 -3.95 -0.12 2.07
CA CYS A 89 -3.94 -0.11 2.01
C CYS A 89 -3.84 1.01 1.07
C CYS A 89 -4.00 0.94 0.93
N SER A 90 -4.70 2.02 1.24
CA SER A 90 -4.55 3.25 0.48
C SER A 90 -4.68 4.41 1.44
N CYS A 91 -4.25 5.58 0.98
CA CYS A 91 -4.16 6.75 1.85
C CYS A 91 -3.92 7.99 1.02
N SER A 92 -4.21 9.15 1.58
CA SER A 92 -4.16 10.37 0.78
C SER A 92 -3.40 11.53 1.42
N SER A 93 -2.31 11.22 2.09
CA SER A 93 -1.36 12.26 2.50
C SER A 93 0.01 11.98 1.85
N ASP A 94 0.88 12.97 1.84
CA ASP A 94 2.14 12.86 1.12
C ASP A 94 2.98 11.67 1.53
N GLU A 95 3.35 10.85 0.55
N GLU A 95 3.37 10.86 0.55
CA GLU A 95 4.21 9.68 0.75
CA GLU A 95 4.21 9.68 0.75
C GLU A 95 3.67 8.73 1.82
C GLU A 95 3.67 8.77 1.85
N CYS A 96 2.36 8.72 2.00
CA CYS A 96 1.77 7.97 3.10
C CYS A 96 1.94 6.45 2.91
N ASN A 97 2.14 6.00 1.68
CA ASN A 97 2.42 4.59 1.45
C ASN A 97 3.90 4.24 1.72
N ASP A 98 4.63 5.16 2.35
CA ASP A 98 5.98 4.89 2.86
C ASP A 98 5.97 4.44 4.33
N ASN A 99 4.83 4.61 5.01
CA ASN A 99 4.72 4.22 6.43
C ASN A 99 3.53 3.30 6.56
N ILE A 100 3.81 2.01 6.43
N ILE A 100 3.76 2.02 6.29
CA ILE A 100 2.77 1.02 6.26
CA ILE A 100 2.64 1.09 6.21
C ILE A 100 2.47 0.30 7.57
C ILE A 100 2.47 0.40 7.56
N ILE A 101 1.24 0.43 8.06
CA ILE A 101 0.92 -0.04 9.41
C ILE A 101 0.12 -1.33 9.36
N PHE A 102 0.64 -2.37 10.01
CA PHE A 102 -0.03 -3.67 10.00
C PHE A 102 -0.81 -3.91 11.29
N SER A 103 -1.60 -2.92 11.66
CA SER A 103 -2.37 -2.98 12.89
C SER A 103 -3.51 -1.96 12.83
N GLU A 104 -4.57 -2.22 13.58
CA GLU A 104 -5.63 -1.23 13.73
C GLU A 104 -5.60 -0.69 15.16
N GLU A 105 -4.64 -1.14 15.95
CA GLU A 105 -4.55 -0.80 17.37
C GLU A 105 -4.14 0.64 17.63
N TYR A 106 -3.57 1.30 16.63
CA TYR A 106 -3.05 2.65 16.80
C TYR A 106 -3.75 3.64 15.88
#